data_7ATJ
#
_entry.id   7ATJ
#
_cell.length_a   40.868
_cell.length_b   66.930
_cell.length_c   119.017
_cell.angle_alpha   90.00
_cell.angle_beta   90.00
_cell.angle_gamma   90.00
#
_symmetry.space_group_name_H-M   'P 21 21 21'
#
loop_
_entity.id
_entity.type
_entity.pdbx_description
1 polymer 'PEROXIDASE C1A'
2 non-polymer 'CALCIUM ION'
3 non-polymer 'CYANIDE ION'
4 non-polymer 'PROTOPORPHYRIN IX CONTAINING FE'
5 non-polymer '3-(4-HYDROXY-3-METHOXYPHENYL)-2-PROPENOIC ACID'
6 water water
#
_entity_poly.entity_id   1
_entity_poly.type   'polypeptide(L)'
_entity_poly.pdbx_seq_one_letter_code
;QLTPTFYDNSCPNVSNIVRDTIVNELRSDPRIAASILRLHFHDCFVNGCDASILLDNTTSFRTEKDAFGNANSARGFPVI
DRMKAAVESACPRTVSCADLLTIAAQQSVTLAGGPSWRVPLGRRDSLQAFLDLANANLPAPFFTLPQLKDSFRNVGLNRS
SDLVALSGGHTFGKNQCRFIMDRLYNFSNTGLPDPTLNTTYLQTLRGLCPLNGNLSALVDFDLRTPTIFDNKYYVNLEEQ
KGLIQSDQELFSSPNATDTIPLVRSFANSTQTFFNAFVEAMDRMGNITPLTGTQGQIRLNCRVVNSNS
;
_entity_poly.pdbx_strand_id   A
#
# COMPACT_ATOMS: atom_id res chain seq x y z
N GLN A 1 -19.25 5.67 -10.65
CA GLN A 1 -20.40 4.76 -10.59
C GLN A 1 -19.94 3.31 -10.43
N LEU A 2 -18.92 3.05 -9.62
CA LEU A 2 -18.45 1.68 -9.40
C LEU A 2 -19.45 0.87 -8.56
N THR A 3 -19.44 -0.44 -8.72
CA THR A 3 -20.37 -1.35 -8.04
C THR A 3 -19.71 -2.69 -7.78
N PRO A 4 -19.89 -3.31 -6.61
CA PRO A 4 -19.26 -4.60 -6.34
C PRO A 4 -19.74 -5.76 -7.21
N THR A 5 -20.90 -5.56 -7.84
CA THR A 5 -21.41 -6.66 -8.65
C THR A 5 -20.94 -6.66 -10.09
N PHE A 6 -20.03 -5.76 -10.45
CA PHE A 6 -19.69 -5.52 -11.86
C PHE A 6 -19.34 -6.78 -12.64
N TYR A 7 -18.71 -7.79 -12.06
CA TYR A 7 -18.31 -8.95 -12.84
C TYR A 7 -19.19 -10.16 -12.50
N ASP A 8 -20.32 -9.95 -11.84
CA ASP A 8 -21.04 -11.15 -11.35
C ASP A 8 -21.63 -11.94 -12.49
N ASN A 9 -21.94 -11.33 -13.63
CA ASN A 9 -22.31 -12.10 -14.80
C ASN A 9 -21.14 -12.37 -15.74
N SER A 10 -20.23 -11.42 -15.95
CA SER A 10 -19.22 -11.55 -16.99
C SER A 10 -17.99 -12.34 -16.56
N CYS A 11 -17.69 -12.41 -15.28
CA CYS A 11 -16.57 -13.20 -14.83
C CYS A 11 -16.78 -13.57 -13.37
N PRO A 12 -17.76 -14.43 -13.07
CA PRO A 12 -18.10 -14.67 -11.66
C PRO A 12 -16.98 -15.29 -10.83
N ASN A 13 -15.93 -15.89 -11.36
CA ASN A 13 -14.91 -16.46 -10.48
C ASN A 13 -13.64 -15.62 -10.40
N VAL A 14 -13.65 -14.35 -10.83
CA VAL A 14 -12.42 -13.53 -10.77
C VAL A 14 -11.82 -13.52 -9.38
N SER A 15 -12.62 -13.27 -8.34
CA SER A 15 -11.98 -13.20 -7.02
C SER A 15 -11.40 -14.54 -6.60
N ASN A 16 -12.00 -15.66 -6.97
CA ASN A 16 -11.47 -16.98 -6.62
C ASN A 16 -10.13 -17.27 -7.27
N ILE A 17 -9.95 -16.88 -8.55
CA ILE A 17 -8.69 -17.10 -9.25
C ILE A 17 -7.58 -16.26 -8.64
N VAL A 18 -7.92 -15.02 -8.31
CA VAL A 18 -6.97 -14.10 -7.67
C VAL A 18 -6.51 -14.72 -6.35
N ARG A 19 -7.49 -15.17 -5.56
CA ARG A 19 -7.20 -15.76 -4.26
C ARG A 19 -6.30 -16.96 -4.41
N ASP A 20 -6.61 -17.89 -5.32
CA ASP A 20 -5.76 -19.07 -5.42
C ASP A 20 -4.33 -18.71 -5.83
N THR A 21 -4.16 -17.72 -6.72
CA THR A 21 -2.81 -17.30 -7.09
C THR A 21 -2.03 -16.83 -5.88
N ILE A 22 -2.67 -16.04 -5.01
CA ILE A 22 -1.94 -15.52 -3.86
C ILE A 22 -1.66 -16.62 -2.84
N VAL A 23 -2.62 -17.52 -2.61
CA VAL A 23 -2.37 -18.66 -1.70
C VAL A 23 -1.14 -19.44 -2.11
N ASN A 24 -1.03 -19.76 -3.40
CA ASN A 24 0.12 -20.49 -3.88
C ASN A 24 1.41 -19.70 -3.70
N GLU A 25 1.42 -18.43 -4.08
CA GLU A 25 2.66 -17.68 -4.01
C GLU A 25 3.11 -17.55 -2.56
N LEU A 26 2.16 -17.40 -1.64
CA LEU A 26 2.53 -17.24 -0.23
C LEU A 26 3.35 -18.41 0.30
N ARG A 27 3.18 -19.61 -0.24
CA ARG A 27 4.04 -20.71 0.26
C ARG A 27 5.51 -20.48 0.01
N SER A 28 5.88 -19.77 -1.05
CA SER A 28 7.30 -19.58 -1.30
C SER A 28 7.74 -18.14 -1.02
N ASP A 29 6.79 -17.20 -1.04
CA ASP A 29 7.11 -15.80 -0.72
C ASP A 29 6.11 -15.27 0.29
N PRO A 30 6.41 -15.36 1.59
CA PRO A 30 5.46 -14.97 2.62
C PRO A 30 5.17 -13.47 2.65
N ARG A 31 5.99 -12.72 1.91
CA ARG A 31 5.85 -11.25 1.86
C ARG A 31 4.87 -10.76 0.81
N ILE A 32 4.37 -11.64 -0.07
CA ILE A 32 3.67 -11.18 -1.28
C ILE A 32 2.33 -10.51 -1.00
N ALA A 33 1.56 -10.89 0.00
CA ALA A 33 0.32 -10.19 0.34
C ALA A 33 0.57 -8.72 0.66
N ALA A 34 1.62 -8.46 1.45
CA ALA A 34 1.99 -7.07 1.74
C ALA A 34 2.44 -6.31 0.51
N SER A 35 3.31 -6.92 -0.30
CA SER A 35 3.77 -6.27 -1.51
C SER A 35 2.61 -5.87 -2.41
N ILE A 36 1.58 -6.73 -2.53
CA ILE A 36 0.49 -6.48 -3.43
C ILE A 36 -0.40 -5.37 -2.93
N LEU A 37 -0.65 -5.31 -1.62
CA LEU A 37 -1.43 -4.19 -1.10
C LEU A 37 -0.76 -2.85 -1.41
N ARG A 38 0.56 -2.80 -1.22
CA ARG A 38 1.34 -1.60 -1.52
C ARG A 38 1.25 -1.20 -2.98
N LEU A 39 1.27 -2.14 -3.92
CA LEU A 39 1.15 -1.82 -5.35
C LEU A 39 -0.15 -1.08 -5.62
N HIS A 40 -1.25 -1.53 -4.99
CA HIS A 40 -2.55 -0.89 -5.18
C HIS A 40 -2.58 0.56 -4.66
N PHE A 41 -2.02 0.78 -3.49
CA PHE A 41 -1.88 2.15 -2.99
C PHE A 41 -1.04 3.01 -3.95
N HIS A 42 0.10 2.52 -4.43
CA HIS A 42 0.90 3.32 -5.35
C HIS A 42 0.22 3.49 -6.71
N ASP A 43 -0.71 2.62 -7.10
CA ASP A 43 -1.58 2.86 -8.25
C ASP A 43 -2.50 4.04 -7.97
N CYS A 44 -3.32 3.99 -6.91
CA CYS A 44 -4.38 4.92 -6.65
C CYS A 44 -3.88 6.33 -6.33
N PHE A 45 -2.67 6.50 -5.80
CA PHE A 45 -2.17 7.86 -5.52
C PHE A 45 -1.59 8.57 -6.74
N VAL A 46 -1.58 7.98 -7.92
CA VAL A 46 -0.99 8.60 -9.12
C VAL A 46 -1.96 8.47 -10.28
N ASN A 47 -2.73 9.52 -10.54
CA ASN A 47 -3.82 9.59 -11.49
C ASN A 47 -4.97 8.65 -11.16
N GLY A 48 -5.09 8.18 -9.93
CA GLY A 48 -6.17 7.26 -9.59
C GLY A 48 -5.81 5.83 -9.87
N CYS A 49 -6.76 4.97 -9.53
CA CYS A 49 -6.53 3.52 -9.62
C CYS A 49 -6.86 3.10 -11.05
N ASP A 50 -5.85 3.22 -11.91
CA ASP A 50 -5.96 3.12 -13.35
C ASP A 50 -4.88 2.18 -13.91
N ALA A 51 -4.24 1.41 -13.03
CA ALA A 51 -3.12 0.53 -13.36
C ALA A 51 -1.95 1.22 -14.03
N SER A 52 -1.80 2.54 -13.85
CA SER A 52 -0.70 3.23 -14.51
C SER A 52 0.63 2.73 -14.00
N ILE A 53 0.75 2.32 -12.75
CA ILE A 53 1.98 1.80 -12.18
C ILE A 53 2.48 0.52 -12.85
N LEU A 54 1.60 -0.26 -13.44
CA LEU A 54 2.01 -1.56 -14.02
C LEU A 54 2.69 -1.41 -15.37
N LEU A 55 2.58 -0.27 -16.01
CA LEU A 55 3.17 -0.04 -17.33
C LEU A 55 4.69 0.03 -17.26
N ASP A 56 5.39 -0.66 -18.17
CA ASP A 56 6.82 -0.55 -18.38
C ASP A 56 7.16 0.64 -19.28
N ASN A 57 8.44 0.96 -19.37
CA ASN A 57 8.98 2.05 -20.15
C ASN A 57 8.62 2.01 -21.63
N THR A 58 8.36 3.16 -22.24
CA THR A 58 8.27 3.36 -23.70
C THR A 58 9.17 4.52 -24.12
N THR A 59 9.39 4.75 -25.43
CA THR A 59 10.20 5.89 -25.83
C THR A 59 9.46 7.23 -25.67
N SER A 60 8.16 7.29 -25.44
CA SER A 60 7.47 8.55 -25.26
C SER A 60 7.10 8.82 -23.80
N PHE A 61 7.12 7.85 -22.90
CA PHE A 61 6.88 8.12 -21.48
C PHE A 61 7.72 7.18 -20.61
N ARG A 62 8.24 7.68 -19.49
CA ARG A 62 8.89 6.83 -18.51
C ARG A 62 7.94 6.05 -17.61
N THR A 63 8.37 4.87 -17.17
CA THR A 63 7.64 4.03 -16.22
C THR A 63 7.68 4.65 -14.81
N GLU A 64 6.56 4.51 -14.08
CA GLU A 64 6.55 4.89 -12.68
C GLU A 64 7.47 3.98 -11.86
N LYS A 65 7.93 2.85 -12.41
CA LYS A 65 8.73 1.92 -11.63
C LYS A 65 10.11 2.51 -11.31
N ASP A 66 10.55 3.59 -11.94
CA ASP A 66 11.77 4.30 -11.63
C ASP A 66 11.60 5.50 -10.72
N ALA A 67 10.37 5.67 -10.17
CA ALA A 67 10.11 6.70 -9.17
C ALA A 67 10.88 6.39 -7.89
N PHE A 68 11.20 7.46 -7.14
CA PHE A 68 11.85 7.23 -5.87
C PHE A 68 11.07 6.29 -4.97
N GLY A 69 9.75 6.33 -4.92
CA GLY A 69 8.98 5.40 -4.11
C GLY A 69 8.81 4.01 -4.64
N ASN A 70 9.23 3.74 -5.89
CA ASN A 70 9.06 2.43 -6.49
C ASN A 70 10.38 1.74 -6.80
N ALA A 71 11.42 2.46 -7.23
CA ALA A 71 12.65 1.79 -7.66
C ALA A 71 13.34 1.04 -6.54
N ASN A 72 13.75 -0.20 -6.85
CA ASN A 72 14.40 -1.05 -5.85
C ASN A 72 13.57 -1.08 -4.55
N SER A 73 12.26 -1.20 -4.72
CA SER A 73 11.34 -1.21 -3.57
C SER A 73 10.05 -1.90 -3.90
N ALA A 74 9.29 -1.44 -4.89
CA ALA A 74 8.02 -2.03 -5.31
C ALA A 74 8.27 -3.42 -5.85
N ARG A 75 7.37 -4.36 -5.62
CA ARG A 75 7.65 -5.73 -6.07
C ARG A 75 6.37 -6.49 -6.27
N GLY A 76 6.43 -7.67 -6.88
CA GLY A 76 5.25 -8.48 -7.03
C GLY A 76 4.74 -8.42 -8.46
N PHE A 77 5.43 -7.68 -9.31
CA PHE A 77 4.89 -7.49 -10.66
C PHE A 77 4.68 -8.81 -11.39
N PRO A 78 5.55 -9.80 -11.34
CA PRO A 78 5.30 -11.09 -12.02
C PRO A 78 4.08 -11.83 -11.49
N VAL A 79 3.76 -11.69 -10.21
CA VAL A 79 2.58 -12.34 -9.63
C VAL A 79 1.29 -11.75 -10.16
N ILE A 80 1.26 -10.42 -10.31
CA ILE A 80 0.13 -9.77 -10.98
C ILE A 80 0.01 -10.27 -12.42
N ASP A 81 1.15 -10.42 -13.11
CA ASP A 81 1.08 -10.95 -14.48
C ASP A 81 0.46 -12.36 -14.47
N ARG A 82 0.85 -13.20 -13.52
CA ARG A 82 0.34 -14.59 -13.51
C ARG A 82 -1.15 -14.60 -13.26
N MET A 83 -1.65 -13.84 -12.27
CA MET A 83 -3.09 -13.85 -12.04
C MET A 83 -3.85 -13.22 -13.23
N LYS A 84 -3.29 -12.20 -13.88
CA LYS A 84 -3.93 -11.59 -15.04
C LYS A 84 -4.07 -12.63 -16.16
N ALA A 85 -3.00 -13.38 -16.40
CA ALA A 85 -3.05 -14.45 -17.38
C ALA A 85 -4.14 -15.45 -17.04
N ALA A 86 -4.23 -15.86 -15.78
CA ALA A 86 -5.26 -16.83 -15.38
C ALA A 86 -6.66 -16.27 -15.57
N VAL A 87 -6.88 -15.00 -15.27
CA VAL A 87 -8.21 -14.42 -15.43
C VAL A 87 -8.53 -14.25 -16.91
N GLU A 88 -7.53 -13.85 -17.69
CA GLU A 88 -7.67 -13.70 -19.13
C GLU A 88 -8.04 -15.07 -19.74
N SER A 89 -7.43 -16.14 -19.24
CA SER A 89 -7.82 -17.45 -19.77
C SER A 89 -9.26 -17.79 -19.47
N ALA A 90 -9.76 -17.49 -18.28
CA ALA A 90 -11.12 -17.77 -17.85
C ALA A 90 -12.20 -16.84 -18.39
N CYS A 91 -11.85 -15.58 -18.62
N CYS A 91 -11.83 -15.58 -18.63
CA CYS A 91 -12.86 -14.61 -19.07
CA CYS A 91 -12.78 -14.53 -19.00
C CYS A 91 -12.16 -13.50 -19.85
C CYS A 91 -12.08 -13.48 -19.86
N PRO A 92 -11.86 -13.82 -21.10
CA PRO A 92 -11.07 -12.97 -22.00
C PRO A 92 -11.56 -11.54 -22.09
N ARG A 93 -10.62 -10.60 -22.04
CA ARG A 93 -10.89 -9.20 -22.33
C ARG A 93 -12.00 -8.58 -21.51
N THR A 94 -12.09 -8.99 -20.26
CA THR A 94 -13.17 -8.59 -19.36
C THR A 94 -12.75 -7.77 -18.15
N VAL A 95 -11.77 -8.25 -17.41
CA VAL A 95 -11.33 -7.61 -16.18
C VAL A 95 -10.10 -6.73 -16.39
N SER A 96 -10.30 -5.45 -16.08
CA SER A 96 -9.23 -4.47 -16.18
C SER A 96 -8.10 -4.82 -15.20
N CYS A 97 -6.89 -4.42 -15.56
CA CYS A 97 -5.76 -4.53 -14.66
C CYS A 97 -6.00 -3.70 -13.41
N ALA A 98 -6.62 -2.53 -13.55
CA ALA A 98 -6.96 -1.66 -12.44
C ALA A 98 -7.87 -2.36 -11.43
N ASP A 99 -8.92 -3.03 -11.92
CA ASP A 99 -9.77 -3.80 -11.02
C ASP A 99 -9.10 -5.05 -10.49
N LEU A 100 -8.30 -5.74 -11.27
CA LEU A 100 -7.58 -6.93 -10.82
C LEU A 100 -6.73 -6.62 -9.61
N LEU A 101 -6.02 -5.47 -9.69
CA LEU A 101 -5.11 -5.10 -8.62
C LEU A 101 -5.91 -4.72 -7.38
N THR A 102 -7.07 -4.11 -7.56
CA THR A 102 -7.97 -3.77 -6.43
C THR A 102 -8.42 -5.07 -5.75
N ILE A 103 -8.90 -6.06 -6.50
CA ILE A 103 -9.29 -7.35 -5.92
C ILE A 103 -8.08 -8.02 -5.26
N ALA A 104 -6.91 -8.01 -5.86
CA ALA A 104 -5.70 -8.65 -5.33
C ALA A 104 -5.28 -8.06 -3.98
N ALA A 105 -5.43 -6.73 -3.88
CA ALA A 105 -5.17 -6.06 -2.62
C ALA A 105 -6.14 -6.52 -1.53
N GLN A 106 -7.44 -6.58 -1.83
CA GLN A 106 -8.43 -7.00 -0.85
C GLN A 106 -8.19 -8.44 -0.42
N GLN A 107 -7.97 -9.32 -1.41
CA GLN A 107 -7.79 -10.75 -1.06
C GLN A 107 -6.49 -10.93 -0.30
N SER A 108 -5.47 -10.12 -0.55
CA SER A 108 -4.21 -10.19 0.20
C SER A 108 -4.49 -9.89 1.67
N VAL A 109 -5.27 -8.84 1.92
CA VAL A 109 -5.63 -8.43 3.26
C VAL A 109 -6.38 -9.56 3.97
N THR A 110 -7.36 -10.16 3.31
CA THR A 110 -8.13 -11.26 3.95
C THR A 110 -7.28 -12.48 4.25
N LEU A 111 -6.44 -12.88 3.32
CA LEU A 111 -5.58 -14.05 3.46
C LEU A 111 -4.62 -13.86 4.64
N ALA A 112 -4.18 -12.63 4.89
CA ALA A 112 -3.25 -12.38 6.00
C ALA A 112 -3.98 -12.27 7.33
N GLY A 113 -5.29 -12.47 7.37
CA GLY A 113 -6.11 -12.42 8.55
C GLY A 113 -7.04 -11.25 8.71
N GLY A 114 -7.12 -10.33 7.73
CA GLY A 114 -7.87 -9.11 7.86
C GLY A 114 -9.33 -9.28 7.47
N PRO A 115 -10.04 -8.17 7.36
CA PRO A 115 -11.47 -8.21 7.02
C PRO A 115 -11.66 -8.75 5.60
N SER A 116 -12.88 -9.22 5.36
CA SER A 116 -13.36 -9.69 4.08
C SER A 116 -14.52 -8.84 3.58
N TRP A 117 -14.45 -8.33 2.35
CA TRP A 117 -15.49 -7.46 1.78
C TRP A 117 -15.37 -7.53 0.24
N ARG A 118 -16.45 -7.07 -0.40
CA ARG A 118 -16.51 -7.00 -1.87
C ARG A 118 -16.24 -5.56 -2.32
N VAL A 119 -15.10 -5.42 -3.04
CA VAL A 119 -14.73 -4.07 -3.48
C VAL A 119 -15.62 -3.59 -4.62
N PRO A 120 -15.84 -2.30 -4.73
CA PRO A 120 -16.51 -1.75 -5.92
C PRO A 120 -15.59 -1.98 -7.14
N LEU A 121 -16.23 -2.19 -8.28
CA LEU A 121 -15.57 -2.55 -9.51
C LEU A 121 -16.11 -1.78 -10.73
N GLY A 122 -15.41 -1.90 -11.86
CA GLY A 122 -15.72 -1.20 -13.10
C GLY A 122 -14.70 -0.12 -13.46
N ARG A 123 -13.53 -0.08 -12.84
CA ARG A 123 -12.44 0.78 -13.29
C ARG A 123 -11.84 0.30 -14.60
N ARG A 124 -11.22 1.25 -15.32
CA ARG A 124 -10.54 0.94 -16.58
C ARG A 124 -9.08 1.38 -16.56
N ASP A 125 -8.27 0.96 -17.53
CA ASP A 125 -6.83 1.11 -17.53
C ASP A 125 -6.34 2.31 -18.30
N SER A 126 -5.32 3.00 -17.78
CA SER A 126 -4.75 4.17 -18.42
C SER A 126 -4.01 3.83 -19.73
N LEU A 127 -3.84 4.92 -20.49
CA LEU A 127 -3.13 4.92 -21.74
C LEU A 127 -1.73 5.50 -21.63
N GLN A 128 -1.30 5.82 -20.42
CA GLN A 128 0.00 6.42 -20.15
C GLN A 128 0.39 6.17 -18.70
N ALA A 129 1.69 6.27 -18.42
CA ALA A 129 2.26 6.24 -17.07
C ALA A 129 2.72 7.64 -16.68
N PHE A 130 2.84 7.92 -15.38
CA PHE A 130 3.08 9.26 -14.85
C PHE A 130 4.24 9.29 -13.86
N LEU A 131 5.47 9.26 -14.37
CA LEU A 131 6.65 9.22 -13.48
C LEU A 131 6.81 10.50 -12.67
N ASP A 132 6.68 11.64 -13.33
CA ASP A 132 6.85 12.88 -12.56
C ASP A 132 5.77 12.98 -11.49
N LEU A 133 4.53 12.61 -11.85
CA LEU A 133 3.43 12.67 -10.88
C LEU A 133 3.66 11.68 -9.75
N ALA A 134 4.25 10.50 -10.01
CA ALA A 134 4.57 9.55 -8.93
C ALA A 134 5.61 10.14 -8.00
N ASN A 135 6.63 10.81 -8.54
CA ASN A 135 7.61 11.46 -7.67
C ASN A 135 6.97 12.58 -6.87
N ALA A 136 5.99 13.28 -7.43
CA ALA A 136 5.33 14.36 -6.72
C ALA A 136 4.34 13.86 -5.67
N ASN A 137 3.64 12.77 -5.94
CA ASN A 137 2.48 12.43 -5.12
C ASN A 137 2.70 11.34 -4.08
N LEU A 138 3.67 10.45 -4.24
CA LEU A 138 3.77 9.39 -3.24
C LEU A 138 4.42 9.94 -1.98
N PRO A 139 3.83 9.70 -0.81
CA PRO A 139 4.42 10.28 0.41
C PRO A 139 5.70 9.57 0.86
N ALA A 140 6.66 10.24 1.48
CA ALA A 140 7.93 9.66 1.85
C ALA A 140 8.00 9.36 3.36
N PRO A 141 8.82 8.39 3.75
CA PRO A 141 8.89 8.00 5.17
C PRO A 141 9.38 9.17 6.05
N PHE A 142 10.09 10.13 5.47
CA PHE A 142 10.63 11.28 6.19
C PHE A 142 9.68 12.47 6.23
N PHE A 143 8.45 12.34 5.77
CA PHE A 143 7.45 13.41 5.82
C PHE A 143 6.99 13.65 7.26
N THR A 144 6.74 14.93 7.52
CA THR A 144 6.06 15.35 8.76
C THR A 144 4.57 15.06 8.66
N LEU A 145 3.82 15.09 9.78
CA LEU A 145 2.39 14.85 9.72
C LEU A 145 1.67 15.87 8.80
N PRO A 146 1.97 17.15 8.86
CA PRO A 146 1.36 18.04 7.86
C PRO A 146 1.68 17.67 6.43
N GLN A 147 2.87 17.18 6.10
CA GLN A 147 3.15 16.74 4.73
C GLN A 147 2.38 15.49 4.36
N LEU A 148 2.21 14.57 5.32
CA LEU A 148 1.41 13.39 5.06
C LEU A 148 -0.06 13.74 4.79
N LYS A 149 -0.62 14.64 5.60
CA LYS A 149 -1.97 15.10 5.40
C LYS A 149 -2.13 15.81 4.04
N ASP A 150 -1.17 16.66 3.70
CA ASP A 150 -1.23 17.34 2.38
C ASP A 150 -1.17 16.28 1.26
N SER A 151 -0.36 15.24 1.42
CA SER A 151 -0.24 14.23 0.34
C SER A 151 -1.56 13.51 0.13
N PHE A 152 -2.28 13.16 1.20
CA PHE A 152 -3.57 12.50 1.09
C PHE A 152 -4.61 13.45 0.51
N ARG A 153 -4.64 14.68 0.99
CA ARG A 153 -5.62 15.66 0.47
C ARG A 153 -5.42 15.92 -1.02
N ASN A 154 -4.18 16.01 -1.44
CA ASN A 154 -3.84 16.29 -2.84
C ASN A 154 -4.49 15.30 -3.79
N VAL A 155 -4.62 14.04 -3.39
CA VAL A 155 -5.24 13.03 -4.24
C VAL A 155 -6.73 12.89 -3.96
N GLY A 156 -7.29 13.57 -2.97
CA GLY A 156 -8.73 13.55 -2.77
C GLY A 156 -9.19 12.94 -1.48
N LEU A 157 -8.33 12.49 -0.59
CA LEU A 157 -8.71 11.90 0.72
C LEU A 157 -8.54 12.95 1.80
N ASN A 158 -9.65 13.64 2.15
CA ASN A 158 -9.49 14.75 3.09
C ASN A 158 -9.49 14.28 4.55
N ARG A 159 -9.95 13.09 4.86
CA ARG A 159 -10.27 12.73 6.25
C ARG A 159 -9.04 12.18 6.99
N SER A 160 -8.88 12.59 8.25
CA SER A 160 -7.77 12.00 9.03
C SER A 160 -7.98 10.53 9.25
N SER A 161 -9.22 10.06 9.29
CA SER A 161 -9.47 8.62 9.37
C SER A 161 -8.90 7.86 8.19
N ASP A 162 -8.93 8.47 7.01
CA ASP A 162 -8.37 7.88 5.81
C ASP A 162 -6.88 7.61 6.04
N LEU A 163 -6.15 8.62 6.52
CA LEU A 163 -4.72 8.52 6.74
C LEU A 163 -4.36 7.48 7.80
N VAL A 164 -5.06 7.57 8.93
CA VAL A 164 -4.71 6.70 10.07
C VAL A 164 -5.09 5.27 9.75
N ALA A 165 -6.26 5.03 9.18
CA ALA A 165 -6.66 3.65 8.88
C ALA A 165 -5.79 3.05 7.80
N LEU A 166 -5.52 3.75 6.73
CA LEU A 166 -4.72 3.22 5.63
C LEU A 166 -3.27 3.03 6.05
N SER A 167 -2.71 3.81 6.96
CA SER A 167 -1.36 3.52 7.49
C SER A 167 -1.28 2.15 8.18
N GLY A 168 -2.39 1.61 8.64
CA GLY A 168 -2.52 0.25 9.14
C GLY A 168 -2.07 -0.78 8.14
N GLY A 169 -1.86 -0.47 6.85
CA GLY A 169 -1.17 -1.40 6.00
C GLY A 169 0.19 -1.82 6.48
N HIS A 170 0.80 -1.04 7.36
CA HIS A 170 2.11 -1.39 7.97
C HIS A 170 2.00 -2.36 9.14
N THR A 171 0.86 -3.06 9.28
CA THR A 171 0.74 -4.20 10.19
C THR A 171 1.41 -5.47 9.70
N PHE A 172 1.90 -5.42 8.46
CA PHE A 172 2.72 -6.48 7.91
C PHE A 172 3.74 -5.92 6.93
N GLY A 173 4.58 -6.76 6.32
CA GLY A 173 5.58 -6.34 5.38
C GLY A 173 6.91 -5.84 5.92
N LYS A 174 7.77 -5.43 4.98
CA LYS A 174 9.16 -5.09 5.28
C LYS A 174 9.56 -3.70 4.83
N ASN A 175 10.63 -3.18 5.43
CA ASN A 175 11.22 -1.88 5.21
C ASN A 175 12.73 -1.96 5.27
N GLN A 176 13.41 -1.27 4.35
CA GLN A 176 14.87 -1.31 4.30
C GLN A 176 15.50 -0.41 5.35
N CYS A 177 16.63 -0.86 5.90
CA CYS A 177 17.40 -0.08 6.84
C CYS A 177 17.58 1.36 6.37
N ARG A 178 17.78 1.57 5.07
CA ARG A 178 17.99 2.85 4.46
C ARG A 178 17.07 3.95 5.01
N PHE A 179 15.78 3.59 5.13
CA PHE A 179 14.78 4.61 5.47
C PHE A 179 14.64 4.88 6.96
N ILE A 180 15.44 4.23 7.82
CA ILE A 180 15.40 4.52 9.24
C ILE A 180 16.79 4.94 9.74
N MET A 181 17.84 4.98 8.94
CA MET A 181 19.17 5.33 9.46
C MET A 181 19.20 6.67 10.16
N ASP A 182 18.48 7.67 9.68
CA ASP A 182 18.45 8.99 10.32
C ASP A 182 17.84 8.87 11.70
N ARG A 183 16.74 8.14 11.81
CA ARG A 183 16.11 7.93 13.10
C ARG A 183 17.04 7.20 14.08
N LEU A 184 17.90 6.28 13.62
CA LEU A 184 18.75 5.56 14.54
C LEU A 184 20.05 6.28 14.93
N TYR A 185 20.59 7.15 14.08
CA TYR A 185 21.92 7.73 14.32
C TYR A 185 22.03 9.23 14.20
N ASN A 186 21.27 9.95 13.39
CA ASN A 186 21.38 11.39 13.17
C ASN A 186 20.07 11.93 12.59
N PHE A 187 19.14 12.24 13.47
CA PHE A 187 17.81 12.68 13.08
C PHE A 187 17.75 14.20 12.92
N SER A 188 17.29 14.66 11.76
CA SER A 188 17.16 16.09 11.41
C SER A 188 18.39 16.88 11.83
N ASN A 189 19.56 16.37 11.50
CA ASN A 189 20.86 16.99 11.68
C ASN A 189 21.21 17.29 13.14
N THR A 190 20.60 16.54 14.07
CA THR A 190 20.82 16.78 15.48
C THR A 190 22.01 16.01 15.99
N GLY A 191 22.45 14.97 15.33
CA GLY A 191 23.46 14.01 15.65
C GLY A 191 23.04 13.02 16.74
N LEU A 192 21.74 12.89 16.91
CA LEU A 192 21.02 12.07 17.88
C LEU A 192 19.92 11.21 17.27
N PRO A 193 19.54 10.10 17.87
CA PRO A 193 18.38 9.36 17.34
C PRO A 193 17.09 10.17 17.58
N ASP A 194 16.06 9.75 16.84
CA ASP A 194 14.74 10.40 16.93
C ASP A 194 14.20 10.13 18.32
N PRO A 195 13.88 11.18 19.09
CA PRO A 195 13.44 10.92 20.47
C PRO A 195 12.07 10.23 20.58
N THR A 196 11.35 10.12 19.46
CA THR A 196 10.04 9.46 19.56
C THR A 196 10.14 7.96 19.31
N LEU A 197 11.36 7.46 19.17
CA LEU A 197 11.60 6.01 19.08
C LEU A 197 11.97 5.44 20.45
N ASN A 198 11.17 4.51 20.94
CA ASN A 198 11.43 3.78 22.17
C ASN A 198 12.88 3.33 22.22
N THR A 199 13.57 3.62 23.32
CA THR A 199 15.00 3.38 23.41
C THR A 199 15.38 1.91 23.45
N THR A 200 14.53 1.02 23.96
CA THR A 200 14.86 -0.41 23.88
C THR A 200 14.75 -0.90 22.44
N TYR A 201 13.68 -0.52 21.73
CA TYR A 201 13.55 -0.86 20.31
C TYR A 201 14.66 -0.26 19.47
N LEU A 202 15.08 0.96 19.83
CA LEU A 202 16.23 1.58 19.21
C LEU A 202 17.45 0.68 19.19
N GLN A 203 17.79 0.06 20.33
CA GLN A 203 18.90 -0.87 20.38
C GLN A 203 18.75 -2.05 19.41
N THR A 204 17.56 -2.62 19.43
CA THR A 204 17.21 -3.72 18.55
C THR A 204 17.44 -3.31 17.10
N LEU A 205 16.88 -2.14 16.73
CA LEU A 205 16.98 -1.69 15.34
C LEU A 205 18.41 -1.35 14.93
N ARG A 206 19.23 -0.78 15.80
CA ARG A 206 20.66 -0.54 15.54
C ARG A 206 21.41 -1.85 15.29
N GLY A 207 20.99 -2.94 15.95
CA GLY A 207 21.59 -4.24 15.77
C GLY A 207 21.31 -4.77 14.37
N LEU A 208 20.11 -4.45 13.89
CA LEU A 208 19.70 -4.94 12.57
C LEU A 208 20.27 -4.09 11.45
N CYS A 209 20.51 -2.81 11.76
CA CYS A 209 20.88 -1.75 10.85
C CYS A 209 22.05 -0.93 11.39
N PRO A 210 23.25 -1.53 11.47
CA PRO A 210 24.40 -0.79 11.98
C PRO A 210 24.87 0.30 11.07
N LEU A 211 25.55 1.29 11.62
CA LEU A 211 26.17 2.37 10.86
C LEU A 211 27.17 1.74 9.89
N ASN A 212 27.09 2.23 8.67
CA ASN A 212 28.03 1.78 7.64
C ASN A 212 27.65 0.39 7.20
N GLY A 213 26.44 -0.03 7.56
CA GLY A 213 25.96 -1.36 7.23
C GLY A 213 25.25 -1.52 5.91
N ASN A 214 24.71 -2.70 5.63
CA ASN A 214 23.90 -2.97 4.45
C ASN A 214 22.59 -2.17 4.50
N LEU A 215 22.50 -1.08 3.73
CA LEU A 215 21.29 -0.24 3.71
C LEU A 215 20.07 -0.94 3.14
N SER A 216 20.26 -2.01 2.35
CA SER A 216 19.15 -2.75 1.77
C SER A 216 18.66 -3.90 2.63
N ALA A 217 19.27 -4.13 3.79
CA ALA A 217 18.73 -5.17 4.68
C ALA A 217 17.30 -4.88 5.10
N LEU A 218 16.47 -5.88 5.29
CA LEU A 218 15.06 -5.68 5.55
C LEU A 218 14.70 -5.90 7.01
N VAL A 219 13.81 -5.05 7.49
CA VAL A 219 13.24 -5.14 8.83
C VAL A 219 11.72 -5.17 8.80
N ASP A 220 11.06 -5.80 9.77
CA ASP A 220 9.61 -5.90 9.85
C ASP A 220 8.92 -4.62 10.30
N PHE A 221 7.87 -4.20 9.59
CA PHE A 221 7.11 -3.02 10.01
C PHE A 221 6.44 -3.24 11.36
N ASP A 222 5.98 -4.45 11.66
CA ASP A 222 5.26 -4.75 12.89
C ASP A 222 6.01 -5.75 13.77
N LEU A 223 6.63 -5.28 14.86
CA LEU A 223 7.44 -6.23 15.66
C LEU A 223 6.58 -7.26 16.38
N ARG A 224 5.28 -7.06 16.56
CA ARG A 224 4.41 -8.04 17.23
C ARG A 224 4.03 -9.17 16.29
N THR A 225 3.28 -8.92 15.21
CA THR A 225 2.87 -9.94 14.26
C THR A 225 3.31 -9.53 12.86
N PRO A 226 4.57 -9.78 12.57
CA PRO A 226 5.15 -9.34 11.28
C PRO A 226 4.38 -9.74 10.04
N THR A 227 3.57 -10.79 9.95
CA THR A 227 2.94 -11.21 8.72
C THR A 227 1.44 -11.35 8.86
N ILE A 228 0.86 -11.03 10.02
CA ILE A 228 -0.58 -11.09 10.21
C ILE A 228 -1.21 -9.71 10.13
N PHE A 229 -2.28 -9.59 9.35
CA PHE A 229 -3.05 -8.34 9.25
C PHE A 229 -4.00 -8.21 10.44
N ASP A 230 -3.58 -7.35 11.35
CA ASP A 230 -4.35 -7.14 12.59
C ASP A 230 -4.13 -5.72 13.11
N ASN A 231 -4.72 -5.36 14.24
CA ASN A 231 -4.56 -3.98 14.74
C ASN A 231 -3.31 -3.76 15.57
N LYS A 232 -2.35 -4.69 15.57
CA LYS A 232 -1.21 -4.58 16.46
C LYS A 232 -0.26 -3.44 16.09
N TYR A 233 -0.25 -3.02 14.84
CA TYR A 233 0.40 -1.78 14.40
C TYR A 233 0.11 -0.60 15.30
N TYR A 234 -1.14 -0.44 15.72
CA TYR A 234 -1.53 0.75 16.48
C TYR A 234 -1.08 0.66 17.93
N VAL A 235 -1.06 -0.58 18.42
CA VAL A 235 -0.51 -0.87 19.78
C VAL A 235 0.95 -0.47 19.83
N ASN A 236 1.70 -0.80 18.78
CA ASN A 236 3.10 -0.38 18.71
C ASN A 236 3.27 1.12 18.75
N LEU A 237 2.46 1.86 17.98
CA LEU A 237 2.56 3.33 17.99
C LEU A 237 2.44 3.90 19.40
N GLU A 238 1.49 3.34 20.13
CA GLU A 238 1.16 3.84 21.47
C GLU A 238 2.37 3.61 22.38
N GLU A 239 3.25 2.66 22.09
CA GLU A 239 4.49 2.41 22.82
C GLU A 239 5.73 3.04 22.21
N GLN A 240 5.62 3.95 21.23
CA GLN A 240 6.76 4.55 20.52
C GLN A 240 7.55 3.55 19.71
N LYS A 241 6.81 2.56 19.20
CA LYS A 241 7.45 1.52 18.42
C LYS A 241 7.02 1.43 16.96
N GLY A 242 6.45 2.54 16.45
CA GLY A 242 6.37 2.70 14.99
C GLY A 242 7.71 2.58 14.34
N LEU A 243 7.81 1.90 13.19
CA LEU A 243 9.14 1.70 12.60
C LEU A 243 9.71 2.93 11.89
N ILE A 244 8.95 3.53 10.97
CA ILE A 244 9.38 4.72 10.21
C ILE A 244 8.76 5.99 10.75
N GLN A 245 9.36 7.14 10.44
CA GLN A 245 8.95 8.44 10.99
C GLN A 245 7.47 8.69 10.77
N SER A 246 6.98 8.42 9.56
CA SER A 246 5.59 8.68 9.21
C SER A 246 4.59 7.83 10.00
N ASP A 247 5.02 6.66 10.44
CA ASP A 247 4.24 5.84 11.35
C ASP A 247 4.07 6.54 12.70
N GLN A 248 5.24 6.82 13.31
CA GLN A 248 5.18 7.32 14.68
C GLN A 248 4.57 8.72 14.73
N GLU A 249 4.68 9.49 13.66
CA GLU A 249 4.08 10.82 13.67
C GLU A 249 2.56 10.79 13.87
N LEU A 250 1.85 9.76 13.51
CA LEU A 250 0.40 9.70 13.71
C LEU A 250 0.06 9.80 15.20
N PHE A 251 0.96 9.33 16.05
CA PHE A 251 0.72 9.37 17.49
C PHE A 251 1.49 10.49 18.19
N SER A 252 2.64 10.92 17.69
CA SER A 252 3.56 11.78 18.41
C SER A 252 3.73 13.17 17.80
N SER A 253 3.23 13.47 16.62
CA SER A 253 3.36 14.80 16.04
C SER A 253 2.66 15.89 16.86
N PRO A 254 3.26 17.09 16.87
CA PRO A 254 2.57 18.29 17.41
C PRO A 254 1.24 18.53 16.73
N ASN A 255 1.14 18.07 15.48
CA ASN A 255 -0.12 18.24 14.74
C ASN A 255 -1.08 17.09 14.90
N ALA A 256 -0.85 16.13 15.82
CA ALA A 256 -1.64 14.92 15.89
C ALA A 256 -2.89 15.00 16.75
N THR A 257 -3.40 16.20 17.04
CA THR A 257 -4.57 16.19 17.96
C THR A 257 -5.71 15.39 17.41
N ASP A 258 -5.89 15.44 16.08
CA ASP A 258 -6.97 14.68 15.47
C ASP A 258 -6.67 13.21 15.22
N THR A 259 -5.39 12.84 15.10
CA THR A 259 -5.04 11.46 14.76
C THR A 259 -4.80 10.58 15.98
N ILE A 260 -4.38 11.13 17.07
CA ILE A 260 -4.20 10.33 18.30
C ILE A 260 -5.46 9.57 18.67
N PRO A 261 -6.64 10.16 18.73
CA PRO A 261 -7.86 9.41 19.11
C PRO A 261 -8.23 8.31 18.15
N LEU A 262 -7.92 8.52 16.85
CA LEU A 262 -8.11 7.43 15.90
C LEU A 262 -7.13 6.28 16.17
N VAL A 263 -5.85 6.56 16.39
CA VAL A 263 -4.86 5.54 16.71
C VAL A 263 -5.35 4.72 17.91
N ARG A 264 -5.81 5.40 18.96
CA ARG A 264 -6.24 4.64 20.14
C ARG A 264 -7.47 3.81 19.86
N SER A 265 -8.42 4.38 19.10
CA SER A 265 -9.65 3.67 18.81
C SER A 265 -9.36 2.38 18.07
N PHE A 266 -8.37 2.44 17.16
CA PHE A 266 -8.03 1.25 16.37
C PHE A 266 -7.19 0.23 17.14
N ALA A 267 -6.33 0.70 18.06
CA ALA A 267 -5.64 -0.23 18.96
C ALA A 267 -6.61 -0.91 19.91
N ASN A 268 -7.70 -0.21 20.23
CA ASN A 268 -8.59 -0.77 21.25
C ASN A 268 -9.55 -1.80 20.71
N SER A 269 -9.88 -1.78 19.42
CA SER A 269 -10.88 -2.70 18.90
C SER A 269 -10.58 -3.10 17.46
N THR A 270 -10.40 -4.38 17.26
CA THR A 270 -10.20 -4.97 15.95
C THR A 270 -11.38 -4.61 15.06
N GLN A 271 -12.62 -4.67 15.53
CA GLN A 271 -13.76 -4.34 14.68
C GLN A 271 -13.76 -2.89 14.24
N THR A 272 -13.43 -1.96 15.14
CA THR A 272 -13.37 -0.56 14.79
C THR A 272 -12.28 -0.31 13.72
N PHE A 273 -11.12 -0.91 13.89
CA PHE A 273 -10.06 -0.78 12.87
C PHE A 273 -10.50 -1.38 11.56
N PHE A 274 -10.97 -2.63 11.55
CA PHE A 274 -11.36 -3.29 10.31
C PHE A 274 -12.46 -2.50 9.59
N ASN A 275 -13.51 -2.06 10.30
CA ASN A 275 -14.54 -1.28 9.63
C ASN A 275 -13.93 -0.02 8.98
N ALA A 276 -13.01 0.66 9.65
CA ALA A 276 -12.45 1.91 9.13
C ALA A 276 -11.50 1.64 7.95
N PHE A 277 -10.80 0.53 8.05
CA PHE A 277 -9.88 0.14 6.97
C PHE A 277 -10.67 -0.11 5.70
N VAL A 278 -11.78 -0.83 5.84
CA VAL A 278 -12.60 -1.12 4.66
C VAL A 278 -13.16 0.17 4.07
N GLU A 279 -13.69 1.04 4.95
CA GLU A 279 -14.25 2.30 4.46
C GLU A 279 -13.18 3.14 3.73
N ALA A 280 -11.97 3.24 4.31
CA ALA A 280 -10.92 4.05 3.70
C ALA A 280 -10.38 3.38 2.44
N MET A 281 -10.26 2.06 2.44
CA MET A 281 -9.82 1.34 1.24
C MET A 281 -10.75 1.66 0.07
N ASP A 282 -12.06 1.67 0.30
CA ASP A 282 -13.03 1.87 -0.77
C ASP A 282 -13.00 3.33 -1.19
N ARG A 283 -12.78 4.27 -0.30
CA ARG A 283 -12.61 5.68 -0.69
C ARG A 283 -11.32 5.79 -1.53
N MET A 284 -10.22 5.17 -1.16
CA MET A 284 -9.00 5.23 -1.97
C MET A 284 -9.24 4.60 -3.32
N GLY A 285 -9.96 3.48 -3.35
CA GLY A 285 -10.31 2.82 -4.59
C GLY A 285 -11.24 3.60 -5.51
N ASN A 286 -11.87 4.66 -5.00
CA ASN A 286 -12.74 5.51 -5.80
C ASN A 286 -12.04 6.76 -6.28
N ILE A 287 -10.72 6.89 -6.15
CA ILE A 287 -10.04 8.09 -6.64
C ILE A 287 -9.92 8.07 -8.17
N THR A 288 -10.49 9.09 -8.78
CA THR A 288 -10.50 9.42 -10.19
C THR A 288 -10.40 8.20 -11.14
N PRO A 289 -11.36 7.30 -11.03
CA PRO A 289 -11.39 6.17 -11.95
C PRO A 289 -11.79 6.55 -13.37
N LEU A 290 -11.22 5.79 -14.30
CA LEU A 290 -11.71 5.79 -15.68
C LEU A 290 -12.85 4.80 -15.72
N THR A 291 -13.99 5.12 -16.29
CA THR A 291 -15.13 4.23 -16.30
C THR A 291 -15.84 4.29 -17.63
N GLY A 292 -16.79 3.36 -17.82
CA GLY A 292 -17.58 3.42 -19.05
C GLY A 292 -16.80 3.02 -20.28
N THR A 293 -16.61 3.99 -21.19
CA THR A 293 -15.75 3.76 -22.34
C THR A 293 -14.41 4.50 -22.26
N GLN A 294 -14.11 5.14 -21.13
CA GLN A 294 -12.83 5.80 -20.98
C GLN A 294 -11.69 4.81 -20.75
N GLY A 295 -10.51 4.98 -21.32
CA GLY A 295 -9.41 4.02 -21.11
C GLY A 295 -9.74 2.66 -21.70
N GLN A 296 -9.00 1.61 -21.35
CA GLN A 296 -9.03 0.29 -21.89
C GLN A 296 -9.24 -0.83 -20.88
N ILE A 297 -9.56 -2.01 -21.41
CA ILE A 297 -9.29 -3.24 -20.65
C ILE A 297 -8.01 -3.82 -21.23
N ARG A 298 -6.90 -3.60 -20.51
CA ARG A 298 -5.59 -4.01 -20.98
C ARG A 298 -5.47 -5.53 -20.97
N LEU A 299 -4.87 -6.10 -22.00
CA LEU A 299 -4.66 -7.54 -22.04
C LEU A 299 -3.40 -8.01 -21.34
N ASN A 300 -2.32 -7.22 -21.45
CA ASN A 300 -1.03 -7.42 -20.79
C ASN A 300 -0.82 -6.19 -19.89
N CYS A 301 -0.73 -6.38 -18.58
CA CYS A 301 -0.74 -5.19 -17.71
C CYS A 301 0.46 -4.29 -17.94
N ARG A 302 1.55 -4.72 -18.59
CA ARG A 302 2.73 -3.90 -18.78
C ARG A 302 2.71 -2.96 -19.98
N VAL A 303 1.78 -3.16 -20.89
CA VAL A 303 1.72 -2.41 -22.14
C VAL A 303 0.31 -2.01 -22.53
N VAL A 304 0.16 -0.81 -23.12
CA VAL A 304 -1.10 -0.38 -23.73
C VAL A 304 -1.42 -1.32 -24.90
N ASN A 305 -2.71 -1.55 -25.12
CA ASN A 305 -3.15 -2.49 -26.14
C ASN A 305 -2.73 -2.00 -27.54
#